data_7V75
#
_entry.id   7V75
#
_cell.length_a   1.00
_cell.length_b   1.00
_cell.length_c   1.00
_cell.angle_alpha   90.00
_cell.angle_beta   90.00
_cell.angle_gamma   90.00
#
_symmetry.space_group_name_H-M   'P 1'
#
loop_
_entity.id
_entity.type
_entity.pdbx_description
1 polymer prestin
2 non-polymer '2-HYDROXYBENZOIC ACID'
3 non-polymer CHOLESTEROL
4 non-polymer 1-palmitoyl-2-oleoyl-sn-glycero-3-phosphocholine
#
_entity_poly.entity_id   1
_entity_poly.type   'polypeptide(L)'
_entity_poly.pdbx_seq_one_letter_code
;MDHAEENEILAATQRYVVERPVYSQELLEEELEKKDRVPKTLGDKLKKSFRCSPKKAKNLLLSFFPILEWLPKYNLKEWL
LGDLIAGLTVGSLQIPQGIAFALLAGLPPIYGLYSSFFPPLIYAFFGTSRHISVGPFAVVSLLVGSVVERLVPDDIVLPG
GVNATNGTEARDALRVQVAFTLTFLAGIIQLALGLLRLGFLVDFLSEPLISGFTTGAAIHILLSQLKYLLGLKIPRHSGP
FSVIYSVISVFHNIPNTNIATLGVSLLSFVLLLVVKELNKRFKKKLPVPIPAELIVVILATLISYYFNLAEKYGVSIVGH
IPKGLPPPSVPDLSLFPLVIGDAIAIAIVGLAVSISVGKTFAKKHGYQIDGNQELIALGLMNIVGSFFSCYPATGSFSRS
AVNESAGGKTQVAGIVAALVVLLVLLFLGPLFYYLPKAVLAAIIIVNLKGLLMQFKDAPKLWKVDKLDFLIWLVTFLGVV
FLSVEIGLLVGVGFSLLTVLLRTQRPRTSVLGRIPGTDIYRDVKQYPEAEEVPGVKIFRIDSPIYFANSEYFKERLKRKT
GVDPVKVLAARKKALKKIEKEIKKANLANKTVVKADAEVDGEDATKPEEEDGEVKYPPIVIQSDWPSELPRFVPPKVDFH
TLILDFSAVSFVDTVGVKTLKEIVKEYREIGVQVYLAGCNASVVEKLERGGFFDDGITKEHLFLSVHDAVLFAQARKALA
EQEASAPPSQEDLEPNATPATPEAGTENLYFQG
;
_entity_poly.pdbx_strand_id   A
#
# COMPACT_ATOMS: atom_id res chain seq x y z
N LYS A 58 19.62 -12.65 -24.59
CA LYS A 58 18.13 -12.69 -24.86
C LYS A 58 17.37 -11.72 -23.94
N ASN A 59 16.14 -11.41 -24.34
CA ASN A 59 15.25 -10.38 -23.70
C ASN A 59 14.98 -10.75 -22.23
N LEU A 60 14.96 -12.05 -21.92
CA LEU A 60 14.81 -12.59 -20.53
C LEU A 60 15.98 -12.17 -19.64
N LEU A 61 17.22 -12.35 -20.10
CA LEU A 61 18.45 -12.03 -19.32
C LEU A 61 18.52 -10.51 -19.17
N LEU A 62 18.16 -9.74 -20.19
CA LEU A 62 18.18 -8.24 -20.15
C LEU A 62 17.01 -7.70 -19.30
N SER A 63 15.90 -8.45 -19.17
CA SER A 63 14.75 -8.10 -18.30
C SER A 63 15.01 -8.57 -16.86
N PHE A 64 15.84 -9.61 -16.69
CA PHE A 64 16.27 -10.14 -15.37
C PHE A 64 17.54 -9.38 -14.93
N PHE A 65 18.19 -8.59 -15.78
CA PHE A 65 19.29 -7.64 -15.43
C PHE A 65 19.08 -6.32 -16.18
N PRO A 66 18.11 -5.50 -15.77
CA PRO A 66 17.88 -4.20 -16.40
C PRO A 66 19.11 -3.31 -16.57
N ILE A 67 20.13 -3.43 -15.71
CA ILE A 67 21.41 -2.65 -15.81
C ILE A 67 22.00 -2.80 -17.21
N LEU A 68 22.04 -4.03 -17.73
CA LEU A 68 22.69 -4.36 -19.03
C LEU A 68 21.92 -3.73 -20.20
N GLU A 69 20.70 -3.22 -19.98
CA GLU A 69 19.86 -2.60 -21.03
C GLU A 69 19.86 -1.08 -20.88
N TRP A 70 19.73 -0.51 -19.67
CA TRP A 70 19.59 0.96 -19.47
C TRP A 70 20.96 1.65 -19.39
N LEU A 71 22.05 0.93 -19.09
CA LEU A 71 23.40 1.54 -18.87
C LEU A 71 24.01 2.01 -20.20
N PRO A 72 24.07 1.19 -21.29
CA PRO A 72 24.61 1.68 -22.56
C PRO A 72 23.93 2.95 -23.12
N LYS A 73 22.62 3.09 -22.90
CA LYS A 73 21.81 4.24 -23.40
C LYS A 73 22.06 5.54 -22.59
N TYR A 74 22.77 5.46 -21.45
CA TYR A 74 22.99 6.57 -20.50
C TYR A 74 23.84 7.66 -21.19
N ASN A 75 23.25 8.84 -21.41
CA ASN A 75 23.91 9.98 -22.12
C ASN A 75 24.71 10.82 -21.11
N LEU A 76 26.04 10.83 -21.27
CA LEU A 76 27.04 11.20 -20.23
C LEU A 76 27.06 12.72 -19.97
N LYS A 77 26.29 13.51 -20.75
CA LYS A 77 26.51 14.98 -20.88
C LYS A 77 25.55 15.75 -19.96
N GLU A 78 24.23 15.52 -20.07
CA GLU A 78 23.20 16.29 -19.33
C GLU A 78 22.67 15.52 -18.09
N TRP A 79 23.23 14.35 -17.78
CA TRP A 79 22.79 13.49 -16.64
C TRP A 79 23.91 13.30 -15.61
N LEU A 80 25.15 13.02 -16.01
CA LEU A 80 26.25 12.55 -15.11
C LEU A 80 26.43 13.53 -13.97
N LEU A 81 26.48 14.84 -14.28
CA LEU A 81 26.65 15.92 -13.27
C LEU A 81 25.52 15.83 -12.25
N GLY A 82 24.26 15.78 -12.71
CA GLY A 82 23.06 15.68 -11.87
C GLY A 82 23.09 14.47 -10.93
N ASP A 83 23.41 13.30 -11.47
CA ASP A 83 23.42 12.03 -10.69
C ASP A 83 24.55 12.06 -9.66
N LEU A 84 25.71 12.62 -9.99
CA LEU A 84 26.82 12.75 -9.02
C LEU A 84 26.40 13.68 -7.88
N ILE A 85 25.75 14.81 -8.18
CA ILE A 85 25.24 15.78 -7.16
C ILE A 85 24.28 15.03 -6.23
N ALA A 86 23.31 14.31 -6.81
CA ALA A 86 22.25 13.58 -6.09
C ALA A 86 22.88 12.51 -5.20
N GLY A 87 23.84 11.77 -5.74
CA GLY A 87 24.56 10.71 -5.03
C GLY A 87 25.30 11.25 -3.82
N LEU A 88 26.04 12.37 -3.96
CA LEU A 88 26.79 13.00 -2.86
C LEU A 88 25.81 13.50 -1.81
N THR A 89 24.73 14.16 -2.23
CA THR A 89 23.67 14.66 -1.30
C THR A 89 23.08 13.50 -0.49
N VAL A 90 22.73 12.41 -1.15
CA VAL A 90 22.08 11.22 -0.51
C VAL A 90 23.08 10.42 0.33
N GLY A 91 24.34 10.32 -0.05
CA GLY A 91 25.36 9.67 0.80
C GLY A 91 25.56 10.45 2.10
N SER A 92 25.60 11.78 2.00
CA SER A 92 25.72 12.70 3.14
C SER A 92 24.52 12.54 4.07
N LEU A 93 23.35 12.20 3.53
CA LEU A 93 22.13 11.96 4.32
C LEU A 93 22.06 10.53 4.84
N GLN A 94 22.68 9.53 4.18
CA GLN A 94 22.56 8.09 4.53
C GLN A 94 23.38 7.82 5.77
N ILE A 95 24.49 8.53 5.96
CA ILE A 95 25.46 8.17 7.03
C ILE A 95 24.79 8.32 8.40
N PRO A 96 24.40 9.54 8.85
CA PRO A 96 23.69 9.71 10.11
C PRO A 96 22.43 8.85 10.26
N GLN A 97 21.54 8.86 9.29
CA GLN A 97 20.34 7.98 9.38
C GLN A 97 20.69 6.50 9.37
N GLY A 98 21.70 6.11 8.61
CA GLY A 98 22.16 4.71 8.66
C GLY A 98 22.48 4.32 10.10
N ILE A 99 23.29 5.14 10.79
CA ILE A 99 23.67 4.83 12.18
C ILE A 99 22.39 4.84 13.02
N ALA A 100 21.60 5.90 12.90
CA ALA A 100 20.41 6.12 13.75
C ALA A 100 19.51 4.89 13.70
N PHE A 101 19.14 4.47 12.50
CA PHE A 101 18.17 3.36 12.28
C PHE A 101 18.80 2.06 12.72
N ALA A 102 20.13 1.97 12.74
CA ALA A 102 20.81 0.76 13.25
C ALA A 102 20.61 0.64 14.76
N LEU A 103 20.65 1.77 15.49
CA LEU A 103 20.41 1.79 16.95
C LEU A 103 18.94 1.44 17.20
N LEU A 104 18.03 2.06 16.44
CA LEU A 104 16.57 1.82 16.56
C LEU A 104 16.26 0.32 16.38
N ALA A 105 17.04 -0.46 15.62
CA ALA A 105 16.86 -1.93 15.46
C ALA A 105 17.62 -2.76 16.53
N GLY A 106 18.34 -2.12 17.47
CA GLY A 106 19.07 -2.80 18.56
C GLY A 106 20.45 -3.32 18.18
N LEU A 107 20.85 -3.24 16.91
CA LEU A 107 22.17 -3.74 16.45
C LEU A 107 23.23 -2.71 16.82
N PRO A 108 24.53 -3.04 16.70
CA PRO A 108 25.59 -2.04 16.75
C PRO A 108 25.52 -1.02 15.63
N PRO A 109 26.15 0.16 15.74
CA PRO A 109 25.99 1.21 14.74
C PRO A 109 26.66 0.99 13.38
N ILE A 110 27.58 0.04 13.20
CA ILE A 110 28.26 -0.17 11.88
C ILE A 110 27.26 -0.81 10.90
N TYR A 111 26.22 -1.45 11.40
CA TYR A 111 25.29 -2.23 10.54
C TYR A 111 24.48 -1.28 9.65
N GLY A 112 24.21 -0.09 10.13
CA GLY A 112 23.62 0.98 9.31
C GLY A 112 24.47 1.31 8.11
N LEU A 113 25.77 1.46 8.32
CA LEU A 113 26.68 1.79 7.21
C LEU A 113 26.76 0.61 6.22
N TYR A 114 26.83 -0.63 6.70
CA TYR A 114 26.83 -1.80 5.80
C TYR A 114 25.54 -1.85 4.97
N SER A 115 24.41 -1.64 5.63
CA SER A 115 23.08 -1.64 4.97
C SER A 115 22.93 -0.46 4.01
N SER A 116 23.74 0.59 4.17
CA SER A 116 23.68 1.77 3.30
C SER A 116 24.63 1.60 2.10
N PHE A 117 25.45 0.56 2.11
CA PHE A 117 26.49 0.37 1.07
C PHE A 117 26.06 -0.71 0.08
N PHE A 118 25.77 -1.91 0.56
CA PHE A 118 25.56 -3.12 -0.29
C PHE A 118 24.21 -3.06 -1.02
N PRO A 119 23.07 -2.96 -0.31
CA PRO A 119 21.78 -2.94 -0.97
C PRO A 119 21.65 -1.98 -2.14
N PRO A 120 22.03 -0.69 -2.06
CA PRO A 120 21.91 0.19 -3.24
C PRO A 120 22.65 -0.28 -4.49
N LEU A 121 23.81 -0.92 -4.33
CA LEU A 121 24.53 -1.55 -5.47
C LEU A 121 23.70 -2.65 -6.15
N ILE A 122 23.29 -3.63 -5.37
CA ILE A 122 22.55 -4.81 -5.90
C ILE A 122 21.23 -4.34 -6.50
N TYR A 123 20.62 -3.32 -5.93
CA TYR A 123 19.37 -2.79 -6.50
C TYR A 123 19.64 -2.10 -7.82
N ALA A 124 20.70 -1.30 -7.90
CA ALA A 124 21.09 -0.65 -9.18
C ALA A 124 21.20 -1.68 -10.30
N PHE A 125 21.66 -2.89 -9.97
CA PHE A 125 21.86 -3.97 -10.98
C PHE A 125 20.54 -4.58 -11.40
N PHE A 126 19.68 -5.00 -10.47
CA PHE A 126 18.45 -5.73 -10.85
C PHE A 126 17.20 -4.84 -10.84
N GLY A 127 17.30 -3.54 -10.57
CA GLY A 127 16.13 -2.70 -10.25
C GLY A 127 15.58 -2.00 -11.46
N THR A 128 14.27 -1.74 -11.45
CA THR A 128 13.51 -1.13 -12.58
C THR A 128 13.20 0.35 -12.34
N SER A 129 13.04 0.77 -11.09
CA SER A 129 12.80 2.20 -10.74
C SER A 129 14.07 3.02 -10.93
N ARG A 130 13.88 4.31 -11.20
CA ARG A 130 14.96 5.27 -11.50
C ARG A 130 15.08 6.39 -10.43
N HIS A 131 14.19 6.48 -9.46
CA HIS A 131 14.21 7.54 -8.43
C HIS A 131 14.07 6.98 -7.02
N ILE A 132 14.04 5.66 -6.87
CA ILE A 132 13.95 5.03 -5.54
C ILE A 132 15.37 5.03 -4.97
N SER A 133 15.51 5.22 -3.67
CA SER A 133 16.78 5.05 -2.93
C SER A 133 16.54 3.95 -1.91
N VAL A 134 17.28 2.84 -2.00
CA VAL A 134 17.12 1.75 -1.00
C VAL A 134 18.18 1.83 0.09
N GLY A 135 17.87 1.31 1.27
CA GLY A 135 18.73 1.49 2.44
C GLY A 135 17.99 1.09 3.70
N PRO A 136 18.56 1.40 4.87
CA PRO A 136 17.90 1.09 6.14
C PRO A 136 16.89 2.21 6.39
N PHE A 137 15.63 1.78 6.54
CA PHE A 137 14.41 2.58 6.70
C PHE A 137 13.81 2.32 8.09
N ALA A 138 13.07 3.30 8.58
CA ALA A 138 12.53 3.42 9.95
C ALA A 138 11.69 2.22 10.35
N VAL A 139 10.62 1.92 9.61
CA VAL A 139 9.61 0.94 10.06
C VAL A 139 10.20 -0.47 10.07
N VAL A 140 10.96 -0.82 9.04
CA VAL A 140 11.61 -2.15 8.99
C VAL A 140 12.57 -2.22 10.18
N SER A 141 13.32 -1.14 10.44
CA SER A 141 14.25 -1.08 11.59
C SER A 141 13.49 -1.32 12.90
N LEU A 142 12.32 -0.72 13.08
CA LEU A 142 11.45 -0.90 14.28
C LEU A 142 11.03 -2.38 14.44
N LEU A 143 10.61 -3.05 13.36
CA LEU A 143 10.19 -4.47 13.40
C LEU A 143 11.39 -5.38 13.69
N VAL A 144 12.55 -5.12 13.08
CA VAL A 144 13.79 -5.90 13.35
C VAL A 144 14.11 -5.79 14.83
N GLY A 145 14.05 -4.57 15.37
CA GLY A 145 14.36 -4.32 16.78
C GLY A 145 13.48 -5.17 17.68
N SER A 146 12.17 -5.20 17.42
CA SER A 146 11.17 -5.97 18.21
C SER A 146 11.63 -7.42 18.32
N VAL A 147 11.98 -8.02 17.18
CA VAL A 147 12.43 -9.44 17.08
C VAL A 147 13.74 -9.63 17.85
N VAL A 148 14.70 -8.75 17.65
CA VAL A 148 16.04 -8.91 18.28
C VAL A 148 15.87 -8.96 19.81
N GLU A 149 15.33 -7.92 20.43
CA GLU A 149 15.24 -7.85 21.91
C GLU A 149 14.29 -8.92 22.46
N ARG A 150 13.34 -9.42 21.67
CA ARG A 150 12.40 -10.49 22.11
C ARG A 150 13.14 -11.84 22.15
N LEU A 151 13.94 -12.19 21.14
CA LEU A 151 14.75 -13.44 21.09
C LEU A 151 16.05 -13.30 21.90
N VAL A 152 16.52 -12.07 22.14
CA VAL A 152 17.79 -11.82 22.88
C VAL A 152 17.51 -10.73 23.90
N PRO A 153 17.11 -11.10 25.13
CA PRO A 153 17.00 -10.12 26.23
C PRO A 153 18.36 -9.46 26.52
N ASP A 154 18.31 -8.29 27.13
CA ASP A 154 19.47 -7.39 27.37
C ASP A 154 20.48 -8.02 28.36
N ASP A 155 20.03 -8.79 29.36
CA ASP A 155 20.91 -9.54 30.31
C ASP A 155 21.80 -10.54 29.55
N ASN A 166 33.05 -9.39 27.18
CA ASN A 166 32.54 -10.78 27.36
C ASN A 166 31.02 -10.80 27.04
N GLY A 167 30.18 -10.63 28.06
CA GLY A 167 28.70 -10.77 27.99
C GLY A 167 28.09 -9.92 26.89
N THR A 168 28.48 -8.64 26.82
CA THR A 168 27.95 -7.64 25.85
C THR A 168 28.30 -8.07 24.41
N GLU A 169 29.52 -8.54 24.14
CA GLU A 169 29.97 -8.97 22.78
C GLU A 169 29.27 -10.28 22.38
N ALA A 170 29.07 -11.19 23.34
CA ALA A 170 28.33 -12.47 23.12
C ALA A 170 26.88 -12.16 22.72
N ARG A 171 26.24 -11.26 23.47
CA ARG A 171 24.85 -10.79 23.21
C ARG A 171 24.80 -10.14 21.82
N ASP A 172 25.74 -9.24 21.49
CA ASP A 172 25.79 -8.56 20.17
C ASP A 172 25.95 -9.56 19.03
N ALA A 173 26.79 -10.60 19.21
CA ALA A 173 27.00 -11.65 18.19
C ALA A 173 25.67 -12.38 17.95
N LEU A 174 24.97 -12.81 19.00
CA LEU A 174 23.66 -13.51 18.85
C LEU A 174 22.62 -12.54 18.27
N ARG A 175 22.65 -11.26 18.67
CA ARG A 175 21.74 -10.21 18.11
C ARG A 175 21.90 -10.12 16.58
N VAL A 176 23.11 -9.94 16.08
CA VAL A 176 23.38 -9.80 14.61
C VAL A 176 23.07 -11.11 13.88
N GLN A 177 23.21 -12.26 14.52
CA GLN A 177 22.81 -13.57 13.93
C GLN A 177 21.30 -13.56 13.67
N VAL A 178 20.53 -13.07 14.64
CA VAL A 178 19.05 -12.95 14.49
C VAL A 178 18.75 -11.99 13.34
N ALA A 179 19.44 -10.84 13.26
CA ALA A 179 19.25 -9.81 12.21
C ALA A 179 19.52 -10.40 10.81
N PHE A 180 20.57 -11.18 10.65
CA PHE A 180 20.91 -11.80 9.34
C PHE A 180 19.83 -12.81 8.95
N THR A 181 19.33 -13.62 9.90
CA THR A 181 18.27 -14.62 9.60
C THR A 181 17.06 -13.85 9.07
N LEU A 182 16.73 -12.73 9.72
CA LEU A 182 15.56 -11.90 9.32
C LEU A 182 15.73 -11.41 7.88
N THR A 183 16.88 -10.80 7.59
CA THR A 183 17.23 -10.27 6.23
C THR A 183 17.09 -11.39 5.18
N PHE A 184 17.66 -12.57 5.46
CA PHE A 184 17.65 -13.70 4.53
C PHE A 184 16.20 -14.09 4.22
N LEU A 185 15.40 -14.34 5.27
CA LEU A 185 14.03 -14.87 5.10
C LEU A 185 13.20 -13.83 4.34
N ALA A 186 13.33 -12.56 4.71
CA ALA A 186 12.56 -11.47 4.07
C ALA A 186 12.92 -11.41 2.59
N GLY A 187 14.20 -11.52 2.27
CA GLY A 187 14.65 -11.52 0.87
C GLY A 187 14.03 -12.65 0.10
N ILE A 188 14.01 -13.83 0.71
CA ILE A 188 13.53 -15.06 0.03
C ILE A 188 12.05 -14.91 -0.25
N ILE A 189 11.29 -14.39 0.71
CA ILE A 189 9.81 -14.20 0.53
C ILE A 189 9.53 -13.21 -0.64
N GLN A 190 10.27 -12.11 -0.68
CA GLN A 190 10.08 -11.07 -1.69
C GLN A 190 10.43 -11.67 -3.04
N LEU A 191 11.53 -12.41 -3.09
CA LEU A 191 11.99 -13.04 -4.35
C LEU A 191 10.90 -14.00 -4.87
N ALA A 192 10.34 -14.80 -3.96
CA ALA A 192 9.28 -15.79 -4.29
C ALA A 192 8.09 -15.09 -4.94
N LEU A 193 7.54 -14.07 -4.29
CA LEU A 193 6.36 -13.32 -4.80
C LEU A 193 6.67 -12.78 -6.19
N GLY A 194 7.93 -12.53 -6.47
CA GLY A 194 8.30 -11.91 -7.74
C GLY A 194 8.40 -12.94 -8.82
N LEU A 195 8.91 -14.12 -8.48
CA LEU A 195 9.07 -15.23 -9.45
C LEU A 195 7.69 -15.80 -9.78
N LEU A 196 6.79 -15.96 -8.79
CA LEU A 196 5.38 -16.43 -9.01
C LEU A 196 4.49 -15.39 -9.71
N ARG A 197 5.02 -14.26 -10.16
CA ARG A 197 4.27 -13.24 -10.89
C ARG A 197 3.09 -12.76 -10.02
N LEU A 198 3.23 -12.70 -8.69
CA LEU A 198 2.15 -12.19 -7.77
C LEU A 198 2.31 -10.68 -7.48
N GLY A 199 2.99 -9.95 -8.33
CA GLY A 199 3.24 -8.54 -8.07
C GLY A 199 2.06 -7.67 -8.47
N PHE A 200 1.01 -8.24 -9.08
CA PHE A 200 -0.25 -7.51 -9.37
C PHE A 200 -1.04 -7.24 -8.08
N LEU A 201 -0.74 -7.93 -7.00
CA LEU A 201 -1.49 -7.75 -5.75
C LEU A 201 -0.97 -6.49 -5.04
N VAL A 202 0.17 -5.91 -5.41
CA VAL A 202 0.63 -4.63 -4.80
C VAL A 202 -0.17 -3.47 -5.41
N ASP A 203 -1.03 -3.74 -6.40
CA ASP A 203 -2.01 -2.74 -6.95
C ASP A 203 -3.17 -2.55 -5.96
N PHE A 204 -3.48 -3.53 -5.13
CA PHE A 204 -4.63 -3.49 -4.22
C PHE A 204 -4.26 -2.66 -2.99
N LEU A 205 -3.03 -2.16 -2.93
CA LEU A 205 -2.62 -1.20 -1.88
C LEU A 205 -3.00 0.20 -2.35
N SER A 206 -4.19 0.63 -1.91
CA SER A 206 -4.82 1.96 -2.15
C SER A 206 -3.86 3.11 -1.75
N GLU A 207 -4.05 4.30 -2.25
CA GLU A 207 -3.24 5.47 -1.86
C GLU A 207 -3.66 5.93 -0.47
N PRO A 208 -4.94 6.09 -0.09
CA PRO A 208 -5.32 6.30 1.31
C PRO A 208 -4.73 5.28 2.28
N LEU A 209 -4.63 4.03 1.89
CA LEU A 209 -4.11 3.00 2.78
C LEU A 209 -2.66 3.35 3.08
N ILE A 210 -1.86 3.66 2.09
CA ILE A 210 -0.41 3.92 2.30
C ILE A 210 -0.19 5.29 2.94
N SER A 211 -1.00 6.28 2.66
CA SER A 211 -0.95 7.53 3.45
C SER A 211 -1.21 7.26 4.96
N GLY A 212 -2.29 6.57 5.26
CA GLY A 212 -2.62 6.21 6.63
C GLY A 212 -1.51 5.46 7.30
N PHE A 213 -1.00 4.47 6.63
CA PHE A 213 0.04 3.58 7.19
C PHE A 213 1.33 4.35 7.47
N THR A 214 1.82 5.14 6.54
CA THR A 214 3.08 5.86 6.78
C THR A 214 2.91 6.97 7.84
N THR A 215 1.76 7.61 7.92
CA THR A 215 1.52 8.63 8.95
C THR A 215 1.60 7.97 10.31
N GLY A 216 0.89 6.86 10.52
CA GLY A 216 0.92 6.10 11.79
C GLY A 216 2.34 5.67 12.14
N ALA A 217 3.05 5.17 11.15
CA ALA A 217 4.41 4.71 11.42
C ALA A 217 5.28 5.91 11.82
N ALA A 218 5.04 7.09 11.28
CA ALA A 218 5.83 8.26 11.68
C ALA A 218 5.56 8.59 13.15
N ILE A 219 4.34 8.40 13.62
CA ILE A 219 4.04 8.59 15.07
C ILE A 219 4.96 7.67 15.88
N HIS A 220 4.98 6.37 15.58
CA HIS A 220 5.87 5.43 16.31
C HIS A 220 7.33 5.92 16.27
N ILE A 221 7.81 6.36 15.11
CA ILE A 221 9.25 6.69 14.99
C ILE A 221 9.54 7.95 15.82
N LEU A 222 8.61 8.89 15.84
CA LEU A 222 8.71 10.13 16.65
C LEU A 222 8.81 9.83 18.15
N LEU A 223 7.93 8.94 18.63
CA LEU A 223 7.94 8.56 20.07
C LEU A 223 9.21 7.80 20.44
N SER A 224 9.72 6.97 19.55
CA SER A 224 10.97 6.21 19.80
C SER A 224 12.13 7.19 20.01
N GLN A 225 12.18 8.28 19.27
CA GLN A 225 13.35 9.17 19.33
C GLN A 225 13.18 10.21 20.44
N LEU A 226 12.03 10.30 21.11
CA LEU A 226 11.90 11.18 22.31
C LEU A 226 12.85 10.77 23.45
N LYS A 227 12.92 9.49 23.74
CA LYS A 227 13.78 8.98 24.82
C LYS A 227 15.27 9.40 24.65
N TYR A 228 15.83 9.34 23.46
CA TYR A 228 17.25 9.68 23.17
C TYR A 228 17.44 11.17 23.22
N LEU A 229 16.33 11.90 23.05
CA LEU A 229 16.35 13.37 22.82
C LEU A 229 16.45 14.09 24.17
N LEU A 230 15.90 13.48 25.23
CA LEU A 230 15.90 13.98 26.64
C LEU A 230 17.02 13.34 27.44
N GLY A 231 17.27 12.06 27.17
CA GLY A 231 18.32 11.27 27.83
C GLY A 231 17.77 10.30 28.85
N LEU A 232 16.50 9.94 28.74
CA LEU A 232 15.88 8.91 29.64
C LEU A 232 16.31 7.50 29.20
N LYS A 233 16.07 6.49 30.06
CA LYS A 233 16.53 5.08 29.87
C LYS A 233 15.30 4.16 29.92
N ILE A 234 14.22 4.60 29.27
CA ILE A 234 12.90 3.92 29.28
C ILE A 234 12.94 2.67 28.39
N PRO A 235 12.54 1.48 28.88
CA PRO A 235 12.21 0.37 27.98
C PRO A 235 10.81 0.58 27.39
N ARG A 236 10.56 0.16 26.14
CA ARG A 236 9.20 0.22 25.52
C ARG A 236 8.94 -0.99 24.62
N HIS A 237 7.72 -1.08 24.05
CA HIS A 237 7.28 -2.14 23.10
C HIS A 237 6.62 -1.53 21.84
N SER A 238 6.41 -2.35 20.79
CA SER A 238 5.67 -2.02 19.54
C SER A 238 4.37 -2.85 19.42
N GLY A 239 4.01 -3.57 20.49
CA GLY A 239 2.84 -4.47 20.57
C GLY A 239 1.54 -3.70 20.76
N PRO A 240 0.41 -4.39 20.99
CA PRO A 240 -0.89 -3.74 21.23
C PRO A 240 -0.85 -2.57 22.24
N PHE A 241 -1.37 -1.43 21.83
CA PHE A 241 -1.54 -0.19 22.61
C PHE A 241 -0.17 0.30 23.10
N SER A 242 0.93 -0.07 22.45
CA SER A 242 2.27 0.17 23.04
C SER A 242 2.67 1.64 23.05
N VAL A 243 2.19 2.40 22.09
CA VAL A 243 2.32 3.88 22.05
C VAL A 243 1.84 4.50 23.37
N ILE A 244 0.73 4.02 23.91
CA ILE A 244 0.06 4.69 25.06
C ILE A 244 1.00 4.53 26.25
N TYR A 245 1.34 3.29 26.61
CA TYR A 245 2.23 2.98 27.76
C TYR A 245 3.59 3.63 27.56
N SER A 246 4.03 3.71 26.31
CA SER A 246 5.35 4.29 25.96
C SER A 246 5.38 5.79 26.24
N VAL A 247 4.33 6.52 25.84
CA VAL A 247 4.28 7.99 26.11
C VAL A 247 4.07 8.24 27.61
N ILE A 248 3.30 7.40 28.32
CA ILE A 248 3.07 7.60 29.80
C ILE A 248 4.37 7.26 30.52
N SER A 249 5.15 6.32 29.97
CA SER A 249 6.51 6.00 30.46
C SER A 249 7.40 7.23 30.32
N VAL A 250 7.27 7.95 29.23
CA VAL A 250 8.04 9.21 29.03
C VAL A 250 7.53 10.28 30.00
N PHE A 251 6.21 10.40 30.22
CA PHE A 251 5.62 11.36 31.20
C PHE A 251 6.06 11.04 32.64
N HIS A 252 6.27 9.77 32.98
CA HIS A 252 6.71 9.32 34.33
C HIS A 252 8.17 9.73 34.54
N ASN A 253 9.04 9.48 33.55
CA ASN A 253 10.50 9.60 33.73
C ASN A 253 11.00 11.00 33.31
N ILE A 254 10.13 11.95 32.99
CA ILE A 254 10.54 13.36 32.64
C ILE A 254 11.30 14.05 33.77
N PRO A 255 11.10 13.82 35.10
CA PRO A 255 12.00 14.38 36.11
C PRO A 255 13.45 13.87 36.05
N ASN A 256 13.70 12.68 35.47
CA ASN A 256 15.06 12.11 35.26
C ASN A 256 15.70 12.68 33.96
N THR A 257 15.21 13.82 33.45
CA THR A 257 15.73 14.46 32.21
C THR A 257 17.18 14.92 32.42
N ASN A 258 18.10 14.40 31.62
CA ASN A 258 19.45 14.99 31.51
C ASN A 258 19.33 16.36 30.86
N ILE A 259 20.03 17.35 31.41
CA ILE A 259 19.93 18.77 30.97
C ILE A 259 20.89 19.01 29.79
N ALA A 260 22.10 18.45 29.87
CA ALA A 260 23.14 18.62 28.83
C ALA A 260 22.70 17.91 27.55
N THR A 261 22.06 16.74 27.68
CA THR A 261 21.49 16.00 26.53
C THR A 261 20.44 16.87 25.84
N LEU A 262 19.50 17.43 26.60
CA LEU A 262 18.46 18.32 26.03
C LEU A 262 19.13 19.53 25.37
N GLY A 263 20.22 20.02 25.94
CA GLY A 263 21.00 21.14 25.40
C GLY A 263 21.49 20.86 23.99
N VAL A 264 22.18 19.73 23.80
CA VAL A 264 22.80 19.38 22.48
C VAL A 264 21.68 19.03 21.50
N SER A 265 20.57 18.50 21.99
CA SER A 265 19.36 18.24 21.16
C SER A 265 18.83 19.56 20.57
N LEU A 266 18.57 20.56 21.41
CA LEU A 266 17.99 21.84 20.95
C LEU A 266 19.01 22.61 20.09
N LEU A 267 20.30 22.54 20.43
CA LEU A 267 21.38 23.12 19.59
C LEU A 267 21.32 22.48 18.20
N SER A 268 21.14 21.15 18.14
CA SER A 268 21.10 20.37 16.89
C SER A 268 19.92 20.84 16.02
N PHE A 269 18.73 20.91 16.64
CA PHE A 269 17.49 21.38 15.96
C PHE A 269 17.66 22.78 15.38
N VAL A 270 18.23 23.70 16.16
CA VAL A 270 18.50 25.12 15.76
C VAL A 270 19.40 25.13 14.52
N LEU A 271 20.53 24.41 14.57
CA LEU A 271 21.49 24.36 13.45
C LEU A 271 20.79 23.80 12.20
N LEU A 272 19.99 22.74 12.35
CA LEU A 272 19.28 22.08 11.21
C LEU A 272 18.31 23.04 10.54
N LEU A 273 17.43 23.70 11.31
CA LEU A 273 16.39 24.60 10.72
C LEU A 273 17.05 25.86 10.13
N VAL A 274 18.12 26.37 10.74
CA VAL A 274 18.90 27.53 10.21
C VAL A 274 19.44 27.14 8.84
N VAL A 275 20.18 26.03 8.76
CA VAL A 275 20.88 25.62 7.51
C VAL A 275 19.84 25.32 6.42
N LYS A 276 18.74 24.64 6.76
CA LYS A 276 17.70 24.27 5.75
C LYS A 276 17.03 25.53 5.19
N GLU A 277 16.50 26.42 6.05
CA GLU A 277 15.85 27.69 5.62
C GLU A 277 16.84 28.55 4.81
N LEU A 278 18.07 28.71 5.29
CA LEU A 278 19.13 29.56 4.66
C LEU A 278 19.42 29.03 3.24
N ASN A 279 19.78 27.75 3.11
CA ASN A 279 20.20 27.18 1.80
C ASN A 279 18.98 27.04 0.88
N LYS A 280 17.75 27.11 1.41
CA LYS A 280 16.50 27.08 0.59
C LYS A 280 16.25 28.47 -0.04
N ARG A 281 16.18 29.53 0.77
CA ARG A 281 15.76 30.88 0.31
C ARG A 281 16.94 31.63 -0.33
N PHE A 282 18.15 31.55 0.23
CA PHE A 282 19.33 32.36 -0.23
C PHE A 282 19.89 31.81 -1.54
N LYS A 283 20.76 32.60 -2.19
CA LYS A 283 21.26 32.42 -3.58
C LYS A 283 22.02 31.08 -3.68
N LYS A 284 21.98 30.48 -4.88
CA LYS A 284 22.54 29.13 -5.17
C LYS A 284 24.05 29.18 -4.90
N LYS A 285 24.84 29.86 -5.74
CA LYS A 285 26.34 29.94 -5.69
C LYS A 285 26.95 28.55 -5.38
N LEU A 286 26.25 27.48 -5.77
CA LEU A 286 26.57 26.08 -5.38
C LEU A 286 25.98 25.12 -6.41
N PRO A 287 26.80 24.20 -7.01
CA PRO A 287 26.24 23.06 -7.75
C PRO A 287 25.55 22.08 -6.79
N VAL A 288 26.06 21.90 -5.56
CA VAL A 288 25.46 20.99 -4.53
C VAL A 288 24.81 21.84 -3.44
N PRO A 289 23.56 21.54 -2.98
CA PRO A 289 23.01 22.21 -1.81
C PRO A 289 23.82 21.88 -0.54
N ILE A 290 23.67 22.70 0.51
CA ILE A 290 24.47 22.54 1.77
C ILE A 290 23.97 21.29 2.51
N PRO A 291 24.81 20.26 2.73
CA PRO A 291 24.41 19.07 3.49
C PRO A 291 24.26 19.43 4.98
N ALA A 292 23.00 19.61 5.40
CA ALA A 292 22.64 20.10 6.75
C ALA A 292 23.01 19.03 7.78
N GLU A 293 22.57 17.80 7.55
CA GLU A 293 22.71 16.70 8.54
C GLU A 293 24.19 16.41 8.75
N LEU A 294 24.97 16.43 7.67
CA LEU A 294 26.40 16.08 7.75
C LEU A 294 27.17 17.12 8.57
N ILE A 295 26.98 18.40 8.27
CA ILE A 295 27.69 19.50 9.01
C ILE A 295 27.23 19.54 10.46
N VAL A 296 25.96 19.27 10.73
CA VAL A 296 25.44 19.20 12.12
C VAL A 296 26.11 18.05 12.88
N VAL A 297 26.23 16.86 12.27
CA VAL A 297 26.92 15.69 12.88
C VAL A 297 28.37 16.06 13.17
N ILE A 298 29.03 16.68 12.21
CA ILE A 298 30.46 17.11 12.33
C ILE A 298 30.64 18.12 13.48
N LEU A 299 29.86 19.20 13.49
CA LEU A 299 29.93 20.21 14.60
C LEU A 299 29.62 19.56 15.96
N ALA A 300 28.65 18.66 16.01
CA ALA A 300 28.24 18.01 17.28
C ALA A 300 29.36 17.12 17.79
N THR A 301 30.01 16.32 16.94
CA THR A 301 31.10 15.41 17.38
C THR A 301 32.29 16.26 17.85
N LEU A 302 32.60 17.35 17.16
CA LEU A 302 33.72 18.26 17.55
C LEU A 302 33.44 18.84 18.94
N ILE A 303 32.22 19.31 19.15
CA ILE A 303 31.78 19.94 20.43
C ILE A 303 31.89 18.91 21.54
N SER A 304 31.30 17.75 21.32
CA SER A 304 31.24 16.65 22.32
C SER A 304 32.63 16.02 22.56
N TYR A 305 33.63 16.31 21.72
CA TYR A 305 35.02 15.83 21.94
C TYR A 305 35.84 16.88 22.71
N TYR A 306 35.73 18.17 22.36
CA TYR A 306 36.44 19.30 23.03
C TYR A 306 35.91 19.47 24.46
N PHE A 307 34.62 19.80 24.59
CA PHE A 307 33.95 20.03 25.89
C PHE A 307 33.76 18.72 26.66
N ASN A 308 33.96 17.55 26.01
CA ASN A 308 33.99 16.21 26.68
C ASN A 308 32.69 15.95 27.46
N LEU A 309 31.58 15.84 26.72
CA LEU A 309 30.18 15.69 27.23
C LEU A 309 29.96 14.30 27.82
N ALA A 310 30.51 13.31 27.12
CA ALA A 310 30.33 11.86 27.36
C ALA A 310 30.65 11.50 28.81
N GLU A 311 31.83 11.85 29.31
CA GLU A 311 32.27 11.43 30.68
C GLU A 311 31.80 12.44 31.74
N LYS A 312 31.83 13.75 31.46
CA LYS A 312 31.54 14.81 32.46
C LYS A 312 30.04 14.88 32.77
N TYR A 313 29.23 15.22 31.77
CA TYR A 313 27.79 15.48 31.93
C TYR A 313 26.96 14.21 31.73
N GLY A 314 27.57 13.10 31.30
CA GLY A 314 26.87 11.81 31.13
C GLY A 314 26.01 11.74 29.89
N VAL A 315 26.27 12.58 28.87
CA VAL A 315 25.56 12.56 27.56
C VAL A 315 25.91 11.25 26.86
N SER A 316 24.90 10.46 26.47
CA SER A 316 25.09 9.21 25.69
C SER A 316 25.66 9.52 24.30
N ILE A 317 26.69 8.77 23.89
CA ILE A 317 27.38 8.94 22.57
C ILE A 317 27.31 7.63 21.82
N VAL A 318 27.51 7.73 20.50
CA VAL A 318 27.63 6.57 19.59
C VAL A 318 28.89 5.82 20.03
N GLY A 319 28.85 4.49 20.09
CA GLY A 319 30.01 3.66 20.50
C GLY A 319 31.19 3.69 19.52
N HIS A 320 32.00 2.63 19.51
CA HIS A 320 33.15 2.46 18.59
C HIS A 320 32.64 2.07 17.21
N ILE A 321 32.98 2.84 16.17
CA ILE A 321 32.64 2.47 14.76
C ILE A 321 33.89 1.83 14.17
N PRO A 322 33.88 0.51 13.91
CA PRO A 322 35.07 -0.19 13.40
C PRO A 322 35.39 0.16 11.94
N LYS A 323 36.69 0.22 11.60
CA LYS A 323 37.21 0.36 10.22
C LYS A 323 37.22 -1.01 9.54
N GLY A 324 37.08 -1.04 8.21
CA GLY A 324 37.24 -2.24 7.36
C GLY A 324 35.95 -2.63 6.68
N LEU A 325 36.03 -3.32 5.53
CA LEU A 325 34.85 -3.84 4.77
C LEU A 325 34.06 -4.84 5.60
N PRO A 326 32.77 -5.08 5.26
CA PRO A 326 31.96 -6.07 5.96
C PRO A 326 32.58 -7.47 5.93
N PRO A 327 32.42 -8.29 6.99
CA PRO A 327 32.83 -9.70 6.95
C PRO A 327 31.75 -10.57 6.31
N PRO A 328 32.10 -11.57 5.47
CA PRO A 328 31.10 -12.52 4.96
C PRO A 328 30.55 -13.37 6.12
N SER A 329 29.23 -13.49 6.19
CA SER A 329 28.48 -14.16 7.30
C SER A 329 27.51 -15.19 6.73
N VAL A 330 26.92 -16.00 7.62
CA VAL A 330 25.90 -17.03 7.25
C VAL A 330 24.73 -16.89 8.23
N PRO A 331 23.50 -16.58 7.78
CA PRO A 331 22.34 -16.59 8.67
C PRO A 331 21.97 -18.01 9.15
N ASP A 332 22.31 -18.34 10.40
CA ASP A 332 22.03 -19.64 11.07
C ASP A 332 20.51 -19.89 11.13
N LEU A 333 20.01 -20.82 10.32
CA LEU A 333 18.55 -21.12 10.19
C LEU A 333 18.03 -22.00 11.33
N SER A 334 18.75 -22.13 12.45
CA SER A 334 18.24 -22.76 13.70
C SER A 334 17.08 -21.94 14.26
N LEU A 335 16.98 -20.65 13.89
CA LEU A 335 15.96 -19.66 14.37
C LEU A 335 14.77 -19.55 13.42
N PHE A 336 14.78 -20.26 12.28
CA PHE A 336 13.73 -20.20 11.22
C PHE A 336 12.31 -20.23 11.82
N PRO A 337 11.91 -21.17 12.72
CA PRO A 337 10.53 -21.17 13.24
C PRO A 337 10.20 -20.07 14.26
N LEU A 338 11.20 -19.41 14.84
CA LEU A 338 11.02 -18.30 15.82
C LEU A 338 10.74 -16.97 15.08
N VAL A 339 11.42 -16.74 13.96
CA VAL A 339 11.48 -15.40 13.30
C VAL A 339 10.73 -15.41 11.96
N ILE A 340 10.11 -16.51 11.55
CA ILE A 340 9.44 -16.60 10.21
C ILE A 340 8.25 -15.62 10.17
N GLY A 341 7.49 -15.47 11.26
CA GLY A 341 6.34 -14.54 11.35
C GLY A 341 6.78 -13.12 11.08
N ASP A 342 7.80 -12.66 11.80
CA ASP A 342 8.27 -11.25 11.74
C ASP A 342 9.00 -11.01 10.42
N ALA A 343 9.60 -12.04 9.83
CA ALA A 343 10.23 -11.94 8.49
C ALA A 343 9.16 -11.76 7.42
N ILE A 344 8.01 -12.44 7.55
CA ILE A 344 6.87 -12.27 6.59
C ILE A 344 6.35 -10.84 6.72
N ALA A 345 6.25 -10.32 7.95
CA ALA A 345 5.83 -8.91 8.18
C ALA A 345 6.81 -7.90 7.57
N ILE A 346 8.10 -8.11 7.80
CA ILE A 346 9.17 -7.25 7.22
C ILE A 346 9.05 -7.31 5.70
N ALA A 347 8.90 -8.48 5.07
CA ALA A 347 8.86 -8.63 3.60
C ALA A 347 7.69 -7.86 3.05
N ILE A 348 6.51 -8.03 3.66
CA ILE A 348 5.25 -7.39 3.17
C ILE A 348 5.35 -5.86 3.32
N VAL A 349 5.87 -5.38 4.44
CA VAL A 349 6.06 -3.92 4.66
C VAL A 349 7.07 -3.36 3.66
N GLY A 350 8.19 -4.04 3.45
CA GLY A 350 9.20 -3.68 2.44
C GLY A 350 8.59 -3.54 1.05
N LEU A 351 7.81 -4.52 0.58
CA LEU A 351 7.20 -4.50 -0.77
C LEU A 351 6.32 -3.29 -0.86
N ALA A 352 5.41 -3.15 0.13
CA ALA A 352 4.39 -2.10 0.17
C ALA A 352 5.04 -0.73 -0.04
N VAL A 353 5.98 -0.35 0.82
CA VAL A 353 6.59 1.01 0.80
C VAL A 353 7.60 1.13 -0.37
N SER A 354 8.40 0.11 -0.71
CA SER A 354 9.31 0.19 -1.88
C SER A 354 8.54 0.44 -3.18
N ILE A 355 7.51 -0.36 -3.41
CA ILE A 355 6.82 -0.31 -4.73
C ILE A 355 5.93 0.92 -4.78
N SER A 356 5.32 1.30 -3.65
CA SER A 356 4.56 2.58 -3.52
C SER A 356 5.40 3.77 -3.97
N VAL A 357 6.63 3.85 -3.46
CA VAL A 357 7.59 4.93 -3.80
C VAL A 357 7.91 4.83 -5.30
N GLY A 358 8.21 3.64 -5.80
CA GLY A 358 8.64 3.46 -7.20
C GLY A 358 7.56 3.97 -8.12
N LYS A 359 6.32 3.55 -7.82
CA LYS A 359 5.12 3.87 -8.63
C LYS A 359 4.90 5.38 -8.61
N THR A 360 4.98 6.01 -7.45
CA THR A 360 4.74 7.48 -7.28
C THR A 360 5.68 8.23 -8.22
N PHE A 361 6.97 7.97 -8.13
CA PHE A 361 8.02 8.71 -8.89
C PHE A 361 7.91 8.37 -10.37
N ALA A 362 7.49 7.15 -10.70
CA ALA A 362 7.36 6.69 -12.10
C ALA A 362 6.21 7.44 -12.75
N LYS A 363 5.08 7.53 -12.05
CA LYS A 363 3.89 8.26 -12.57
C LYS A 363 4.27 9.73 -12.76
N LYS A 364 4.96 10.33 -11.79
CA LYS A 364 5.30 11.77 -11.83
C LYS A 364 6.30 12.10 -12.94
N HIS A 365 7.15 11.17 -13.35
CA HIS A 365 8.21 11.39 -14.37
C HIS A 365 7.90 10.66 -15.68
N GLY A 366 6.71 10.06 -15.80
CA GLY A 366 6.17 9.50 -17.06
C GLY A 366 6.87 8.25 -17.55
N TYR A 367 7.08 7.26 -16.68
CA TYR A 367 7.54 5.90 -17.07
C TYR A 367 6.81 4.87 -16.20
N GLN A 368 7.10 3.60 -16.46
CA GLN A 368 6.44 2.44 -15.81
C GLN A 368 7.50 1.50 -15.21
N ILE A 369 7.21 1.00 -14.01
CA ILE A 369 8.04 -0.02 -13.32
C ILE A 369 7.33 -1.36 -13.46
N ASP A 370 8.08 -2.48 -13.46
CA ASP A 370 7.52 -3.85 -13.38
C ASP A 370 7.50 -4.29 -11.91
N GLY A 371 6.30 -4.50 -11.36
CA GLY A 371 6.08 -4.92 -9.97
C GLY A 371 6.84 -6.19 -9.64
N ASN A 372 6.84 -7.15 -10.58
CA ASN A 372 7.45 -8.49 -10.40
C ASN A 372 8.95 -8.31 -10.37
N GLN A 373 9.50 -7.53 -11.29
CA GLN A 373 10.96 -7.33 -11.36
C GLN A 373 11.40 -6.53 -10.14
N GLU A 374 10.56 -5.63 -9.66
CA GLU A 374 10.82 -4.93 -8.37
C GLU A 374 10.88 -5.96 -7.24
N LEU A 375 9.96 -6.93 -7.15
CA LEU A 375 10.02 -7.94 -6.06
C LEU A 375 11.29 -8.79 -6.20
N ILE A 376 11.67 -9.14 -7.41
CA ILE A 376 12.94 -9.88 -7.65
C ILE A 376 14.15 -9.02 -7.23
N ALA A 377 14.17 -7.75 -7.61
CA ALA A 377 15.27 -6.84 -7.27
C ALA A 377 15.39 -6.70 -5.77
N LEU A 378 14.29 -6.43 -5.07
CA LEU A 378 14.33 -6.21 -3.60
C LEU A 378 14.76 -7.51 -2.91
N GLY A 379 14.30 -8.63 -3.44
CA GLY A 379 14.64 -9.93 -2.84
C GLY A 379 16.11 -10.18 -2.96
N LEU A 380 16.66 -10.00 -4.16
CA LEU A 380 18.08 -10.33 -4.41
C LEU A 380 18.93 -9.41 -3.53
N MET A 381 18.53 -8.17 -3.47
CA MET A 381 19.21 -7.15 -2.66
C MET A 381 19.34 -7.65 -1.21
N ASN A 382 18.25 -8.09 -0.62
CA ASN A 382 18.23 -8.52 0.81
C ASN A 382 19.00 -9.80 1.02
N ILE A 383 18.98 -10.72 0.07
CA ILE A 383 19.68 -12.02 0.25
C ILE A 383 21.19 -11.79 0.23
N VAL A 384 21.69 -11.07 -0.77
CA VAL A 384 23.13 -10.69 -0.79
C VAL A 384 23.55 -9.88 0.46
N GLY A 385 22.73 -8.94 0.87
CA GLY A 385 23.01 -8.20 2.09
C GLY A 385 23.09 -9.14 3.28
N SER A 386 22.23 -10.18 3.30
CA SER A 386 22.13 -11.11 4.44
C SER A 386 23.49 -11.76 4.65
N PHE A 387 24.11 -12.18 3.54
CA PHE A 387 25.45 -12.82 3.54
C PHE A 387 26.55 -11.81 3.87
N PHE A 388 26.36 -10.54 3.56
CA PHE A 388 27.41 -9.49 3.68
C PHE A 388 27.11 -8.53 4.83
N SER A 389 26.63 -9.08 5.96
CA SER A 389 26.50 -8.35 7.27
C SER A 389 25.61 -7.10 7.12
N CYS A 390 24.39 -7.26 6.60
CA CYS A 390 23.38 -6.20 6.50
C CYS A 390 22.08 -6.63 7.15
N TYR A 391 21.18 -5.67 7.33
CA TYR A 391 19.81 -5.92 7.86
C TYR A 391 18.83 -5.30 6.88
N PRO A 392 17.55 -5.77 6.85
CA PRO A 392 16.68 -5.56 5.70
C PRO A 392 16.64 -4.11 5.27
N ALA A 393 16.95 -3.92 3.99
CA ALA A 393 16.85 -2.63 3.30
C ALA A 393 15.57 -2.62 2.50
N THR A 394 15.23 -1.45 2.02
CA THR A 394 13.92 -1.21 1.36
C THR A 394 14.01 0.20 0.83
N GLY A 395 13.06 0.56 -0.04
CA GLY A 395 12.98 1.93 -0.56
C GLY A 395 12.37 2.78 0.51
N SER A 396 12.60 4.06 0.48
CA SER A 396 11.97 4.99 1.44
C SER A 396 11.50 6.17 0.63
N PHE A 397 10.52 6.90 1.17
CA PHE A 397 9.93 8.09 0.51
C PHE A 397 10.86 9.27 0.75
N SER A 398 11.43 9.34 1.96
CA SER A 398 12.32 10.44 2.40
C SER A 398 13.57 10.46 1.53
N ARG A 399 14.34 9.38 1.50
CA ARG A 399 15.58 9.37 0.67
C ARG A 399 15.17 9.59 -0.77
N SER A 400 14.15 8.90 -1.24
CA SER A 400 13.75 9.04 -2.66
C SER A 400 13.45 10.51 -3.01
N ALA A 401 12.71 11.22 -2.14
CA ALA A 401 12.38 12.65 -2.33
C ALA A 401 13.68 13.46 -2.48
N VAL A 402 14.62 13.16 -1.59
CA VAL A 402 15.93 13.86 -1.58
C VAL A 402 16.71 13.53 -2.85
N ASN A 403 16.74 12.26 -3.25
CA ASN A 403 17.47 11.80 -4.47
C ASN A 403 16.86 12.45 -5.71
N GLU A 404 15.54 12.66 -5.75
CA GLU A 404 14.89 13.35 -6.89
C GLU A 404 15.16 14.86 -6.85
N SER A 405 14.93 15.54 -5.71
CA SER A 405 15.08 17.01 -5.57
C SER A 405 16.54 17.43 -5.80
N ALA A 406 17.50 16.53 -5.56
CA ALA A 406 18.93 16.78 -5.83
C ALA A 406 19.27 16.68 -7.33
N GLY A 407 18.43 16.03 -8.13
CA GLY A 407 18.60 15.85 -9.58
C GLY A 407 19.07 14.45 -9.95
N GLY A 408 18.46 13.45 -9.29
CA GLY A 408 18.65 12.03 -9.61
C GLY A 408 17.91 11.69 -10.90
N LYS A 409 18.57 10.99 -11.81
CA LYS A 409 17.96 10.62 -13.11
C LYS A 409 17.95 9.09 -13.23
N THR A 410 18.96 8.39 -12.71
CA THR A 410 19.11 6.92 -12.88
C THR A 410 19.57 6.31 -11.56
N GLN A 411 19.92 5.01 -11.56
CA GLN A 411 20.49 4.34 -10.37
C GLN A 411 21.99 4.59 -10.23
N VAL A 412 22.58 5.38 -11.14
CA VAL A 412 23.96 5.91 -10.99
C VAL A 412 24.04 6.69 -9.66
N ALA A 413 22.98 7.40 -9.29
CA ALA A 413 22.87 8.15 -8.01
C ALA A 413 23.02 7.21 -6.82
N GLY A 414 22.36 6.05 -6.88
CA GLY A 414 22.45 5.00 -5.84
C GLY A 414 23.88 4.50 -5.72
N ILE A 415 24.52 4.24 -6.86
CA ILE A 415 25.92 3.72 -6.92
C ILE A 415 26.85 4.76 -6.30
N VAL A 416 26.63 6.03 -6.62
CA VAL A 416 27.45 7.15 -6.09
C VAL A 416 27.29 7.26 -4.56
N ALA A 417 26.05 7.24 -4.07
CA ALA A 417 25.75 7.30 -2.61
C ALA A 417 26.47 6.14 -1.93
N ALA A 418 26.44 4.96 -2.53
CA ALA A 418 27.05 3.77 -1.90
C ALA A 418 28.57 3.91 -1.87
N LEU A 419 29.15 4.58 -2.87
CA LEU A 419 30.62 4.85 -2.86
C LEU A 419 30.97 5.82 -1.72
N VAL A 420 30.13 6.82 -1.45
CA VAL A 420 30.33 7.74 -0.29
C VAL A 420 30.32 6.99 1.05
N VAL A 421 29.32 6.15 1.25
CA VAL A 421 29.26 5.30 2.46
C VAL A 421 30.46 4.34 2.46
N LEU A 422 30.97 3.92 1.30
CA LEU A 422 32.11 2.98 1.24
C LEU A 422 33.34 3.69 1.82
N LEU A 423 33.63 4.90 1.34
CA LEU A 423 34.85 5.61 1.80
C LEU A 423 34.71 5.95 3.29
N VAL A 424 33.50 6.21 3.79
CA VAL A 424 33.27 6.40 5.26
C VAL A 424 33.44 5.09 6.04
N LEU A 425 33.04 3.95 5.49
CA LEU A 425 33.30 2.63 6.12
C LEU A 425 34.80 2.40 6.25
N LEU A 426 35.58 2.71 5.21
CA LEU A 426 37.03 2.40 5.16
C LEU A 426 37.81 3.41 6.01
N PHE A 427 37.78 4.70 5.66
CA PHE A 427 38.65 5.74 6.24
C PHE A 427 38.01 6.42 7.45
N LEU A 428 36.96 7.22 7.24
CA LEU A 428 36.45 8.20 8.24
C LEU A 428 36.14 7.47 9.55
N GLY A 429 35.18 6.55 9.53
CA GLY A 429 35.00 5.50 10.57
C GLY A 429 34.97 6.06 11.98
N PRO A 430 36.02 5.85 12.81
CA PRO A 430 35.96 6.22 14.23
C PRO A 430 36.00 7.69 14.60
N LEU A 431 35.93 8.62 13.64
CA LEU A 431 35.70 10.07 13.94
C LEU A 431 34.31 10.31 14.55
N PHE A 432 33.33 9.39 14.37
CA PHE A 432 31.97 9.45 14.95
C PHE A 432 31.90 8.76 16.31
N TYR A 433 32.99 8.71 17.07
CA TYR A 433 32.94 8.14 18.43
C TYR A 433 32.22 9.11 19.36
N TYR A 434 32.59 10.39 19.33
CA TYR A 434 32.07 11.43 20.26
C TYR A 434 30.74 12.01 19.75
N LEU A 435 30.09 11.43 18.74
CA LEU A 435 28.77 11.92 18.22
C LEU A 435 27.70 11.55 19.24
N PRO A 436 26.97 12.54 19.81
CA PRO A 436 25.90 12.29 20.77
C PRO A 436 24.69 11.65 20.11
N LYS A 437 24.00 10.73 20.79
CA LYS A 437 22.84 10.04 20.19
C LYS A 437 21.72 11.07 19.99
N ALA A 438 21.67 12.14 20.77
CA ALA A 438 20.61 13.17 20.66
C ALA A 438 20.63 13.87 19.30
N VAL A 439 21.80 14.05 18.70
CA VAL A 439 21.87 14.66 17.35
C VAL A 439 21.26 13.73 16.28
N LEU A 440 21.49 12.42 16.37
CA LEU A 440 20.86 11.43 15.46
C LEU A 440 19.35 11.48 15.61
N ALA A 441 18.88 11.54 16.84
CA ALA A 441 17.42 11.57 17.05
C ALA A 441 16.81 12.84 16.45
N ALA A 442 17.44 13.98 16.61
CA ALA A 442 16.95 15.25 16.02
C ALA A 442 16.93 15.18 14.50
N ILE A 443 17.95 14.59 13.88
CA ILE A 443 17.99 14.41 12.39
C ILE A 443 16.76 13.62 11.97
N ILE A 444 16.50 12.50 12.65
CA ILE A 444 15.36 11.61 12.28
C ILE A 444 14.05 12.40 12.37
N ILE A 445 13.88 13.21 13.41
CA ILE A 445 12.64 14.00 13.62
C ILE A 445 12.43 15.02 12.47
N VAL A 446 13.43 15.81 12.18
CA VAL A 446 13.30 16.83 11.12
C VAL A 446 13.04 16.16 9.77
N ASN A 447 13.42 14.90 9.57
CA ASN A 447 13.18 14.19 8.28
C ASN A 447 11.76 13.63 8.25
N LEU A 448 11.18 13.45 9.41
CA LEU A 448 9.83 12.88 9.58
C LEU A 448 8.76 13.90 9.26
N LYS A 449 9.11 15.18 9.06
CA LYS A 449 8.21 16.28 8.59
C LYS A 449 7.33 15.80 7.45
N GLY A 450 7.97 15.26 6.41
CA GLY A 450 7.30 14.82 5.17
C GLY A 450 6.08 14.00 5.48
N LEU A 451 6.24 12.93 6.28
CA LEU A 451 5.15 11.95 6.48
C LEU A 451 4.16 12.48 7.47
N LEU A 452 4.59 13.39 8.35
CA LEU A 452 3.61 13.97 9.30
C LEU A 452 2.74 14.99 8.55
N MET A 453 3.20 15.61 7.46
CA MET A 453 2.35 16.56 6.71
C MET A 453 1.31 15.80 5.87
N GLN A 454 1.20 14.49 6.01
CA GLN A 454 0.18 13.71 5.29
C GLN A 454 -1.08 13.70 6.15
N PHE A 455 -1.14 14.46 7.25
CA PHE A 455 -2.44 14.56 7.95
C PHE A 455 -3.30 15.51 7.10
N LYS A 456 -2.71 16.27 6.16
CA LYS A 456 -3.46 17.09 5.19
C LYS A 456 -4.33 16.22 4.25
N ASP A 457 -4.24 14.89 4.31
CA ASP A 457 -4.96 13.97 3.40
C ASP A 457 -6.26 13.52 4.01
N ALA A 458 -6.42 13.60 5.32
CA ALA A 458 -7.66 13.16 6.01
C ALA A 458 -8.80 14.11 5.64
N PRO A 459 -8.66 15.45 5.71
CA PRO A 459 -9.74 16.33 5.27
C PRO A 459 -10.09 16.18 3.79
N LYS A 460 -9.10 16.02 2.89
CA LYS A 460 -9.35 15.97 1.44
C LYS A 460 -10.23 14.75 1.11
N LEU A 461 -9.88 13.61 1.65
CA LEU A 461 -10.69 12.39 1.50
C LEU A 461 -12.06 12.63 2.13
N TRP A 462 -12.09 13.26 3.31
CA TRP A 462 -13.38 13.48 4.00
C TRP A 462 -14.32 14.22 3.04
N LYS A 463 -13.82 15.30 2.41
CA LYS A 463 -14.63 16.17 1.52
C LYS A 463 -15.19 15.32 0.39
N VAL A 464 -14.36 14.51 -0.27
CA VAL A 464 -14.79 13.77 -1.49
C VAL A 464 -15.47 12.45 -1.17
N ASP A 465 -14.74 11.45 -0.66
CA ASP A 465 -15.31 10.09 -0.46
C ASP A 465 -15.11 9.61 0.99
N LYS A 466 -16.20 9.37 1.70
CA LYS A 466 -16.15 9.03 3.13
C LYS A 466 -15.61 7.60 3.29
N LEU A 467 -15.90 6.66 2.38
CA LEU A 467 -15.21 5.35 2.47
C LEU A 467 -13.67 5.46 2.28
N ASP A 468 -13.15 6.33 1.42
CA ASP A 468 -11.70 6.56 1.26
C ASP A 468 -11.15 7.17 2.54
N PHE A 469 -11.87 8.09 3.13
CA PHE A 469 -11.52 8.65 4.44
C PHE A 469 -11.45 7.56 5.48
N LEU A 470 -12.39 6.64 5.47
CA LEU A 470 -12.39 5.57 6.52
C LEU A 470 -11.22 4.63 6.27
N ILE A 471 -10.79 4.39 5.02
CA ILE A 471 -9.59 3.54 4.80
C ILE A 471 -8.38 4.22 5.46
N TRP A 472 -8.26 5.50 5.28
CA TRP A 472 -7.15 6.30 5.83
C TRP A 472 -7.20 6.15 7.32
N LEU A 473 -8.37 6.39 7.93
CA LEU A 473 -8.48 6.47 9.40
C LEU A 473 -8.23 5.09 9.99
N VAL A 474 -8.85 4.07 9.45
CA VAL A 474 -8.72 2.69 9.98
C VAL A 474 -7.23 2.32 9.96
N THR A 475 -6.52 2.53 8.86
CA THR A 475 -5.11 2.13 8.79
C THR A 475 -4.28 2.95 9.78
N PHE A 476 -4.57 4.23 9.90
CA PHE A 476 -3.81 5.14 10.81
C PHE A 476 -3.96 4.74 12.26
N LEU A 477 -5.19 4.47 12.64
CA LEU A 477 -5.46 4.11 14.03
C LEU A 477 -4.96 2.68 14.28
N GLY A 478 -5.17 1.77 13.34
CA GLY A 478 -4.61 0.42 13.43
C GLY A 478 -3.12 0.47 13.70
N VAL A 479 -2.41 1.43 13.13
CA VAL A 479 -0.93 1.40 13.19
C VAL A 479 -0.49 2.02 14.51
N VAL A 480 -1.16 3.08 14.92
CA VAL A 480 -0.79 3.78 16.17
C VAL A 480 -1.24 2.92 17.36
N PHE A 481 -2.52 2.60 17.46
CA PHE A 481 -3.12 1.99 18.69
C PHE A 481 -3.11 0.45 18.66
N LEU A 482 -2.51 -0.17 17.68
CA LEU A 482 -2.20 -1.62 17.73
C LEU A 482 -0.78 -1.81 17.15
N SER A 483 -0.48 -2.98 16.61
CA SER A 483 0.83 -3.21 15.97
C SER A 483 0.86 -2.52 14.62
N VAL A 484 2.05 -2.33 14.07
CA VAL A 484 2.26 -1.80 12.70
C VAL A 484 1.88 -2.87 11.66
N GLU A 485 2.28 -4.13 11.84
CA GLU A 485 1.85 -5.23 10.93
C GLU A 485 0.31 -5.37 10.99
N ILE A 486 -0.29 -5.39 12.18
CA ILE A 486 -1.74 -5.55 12.38
C ILE A 486 -2.44 -4.34 11.73
N GLY A 487 -1.89 -3.16 11.89
CA GLY A 487 -2.49 -1.94 11.32
C GLY A 487 -2.61 -2.06 9.82
N LEU A 488 -1.54 -2.47 9.14
CA LEU A 488 -1.52 -2.71 7.69
C LEU A 488 -2.53 -3.81 7.30
N LEU A 489 -2.59 -4.92 8.04
CA LEU A 489 -3.52 -6.04 7.75
C LEU A 489 -4.98 -5.57 7.89
N VAL A 490 -5.32 -4.87 8.96
CA VAL A 490 -6.68 -4.32 9.21
C VAL A 490 -7.05 -3.30 8.11
N GLY A 491 -6.13 -2.42 7.76
CA GLY A 491 -6.34 -1.44 6.73
C GLY A 491 -6.64 -2.12 5.43
N VAL A 492 -5.88 -3.13 5.07
CA VAL A 492 -6.06 -3.80 3.74
C VAL A 492 -7.40 -4.54 3.71
N GLY A 493 -7.77 -5.18 4.81
CA GLY A 493 -9.09 -5.80 4.95
C GLY A 493 -10.18 -4.82 4.63
N PHE A 494 -10.20 -3.73 5.36
CA PHE A 494 -11.27 -2.72 5.24
C PHE A 494 -11.26 -2.15 3.80
N SER A 495 -10.06 -1.92 3.26
CA SER A 495 -9.85 -1.43 1.88
C SER A 495 -10.63 -2.36 0.94
N LEU A 496 -10.54 -3.67 1.09
CA LEU A 496 -11.21 -4.61 0.14
C LEU A 496 -12.70 -4.68 0.42
N LEU A 497 -13.10 -4.51 1.66
CA LEU A 497 -14.52 -4.55 2.03
C LEU A 497 -15.26 -3.36 1.39
N THR A 498 -14.61 -2.20 1.29
CA THR A 498 -15.26 -0.98 0.75
C THR A 498 -15.76 -1.21 -0.68
N VAL A 499 -15.13 -2.08 -1.45
CA VAL A 499 -15.63 -2.42 -2.82
C VAL A 499 -16.99 -3.14 -2.72
N LEU A 500 -17.12 -4.15 -1.88
CA LEU A 500 -18.45 -4.78 -1.64
C LEU A 500 -19.43 -3.76 -1.10
N LEU A 501 -19.03 -2.91 -0.17
CA LEU A 501 -19.98 -1.91 0.40
C LEU A 501 -20.50 -0.99 -0.70
N ARG A 502 -19.75 -0.76 -1.78
CA ARG A 502 -20.18 0.16 -2.86
C ARG A 502 -21.16 -0.55 -3.78
N THR A 503 -21.03 -1.84 -3.95
CA THR A 503 -21.77 -2.60 -4.96
C THR A 503 -22.90 -3.42 -4.32
N GLN A 504 -23.17 -3.27 -3.02
CA GLN A 504 -24.06 -4.27 -2.38
C GLN A 504 -25.50 -3.77 -2.37
N ARG A 505 -25.71 -2.48 -2.60
CA ARG A 505 -27.08 -1.92 -2.76
C ARG A 505 -27.02 -1.07 -4.02
N PRO A 506 -26.91 -1.71 -5.22
CA PRO A 506 -26.86 -1.00 -6.48
C PRO A 506 -28.11 -0.19 -6.84
N ARG A 507 -28.02 0.52 -7.95
CA ARG A 507 -29.00 1.57 -8.34
C ARG A 507 -29.89 0.93 -9.38
N THR A 508 -31.10 0.54 -9.01
CA THR A 508 -32.06 -0.16 -9.90
C THR A 508 -33.01 0.90 -10.42
N SER A 509 -33.59 0.69 -11.60
CA SER A 509 -34.38 1.74 -12.28
C SER A 509 -35.42 1.13 -13.17
N VAL A 510 -36.53 1.80 -13.36
CA VAL A 510 -37.49 1.34 -14.40
C VAL A 510 -37.46 2.36 -15.51
N LEU A 511 -37.23 1.87 -16.73
CA LEU A 511 -36.91 2.75 -17.87
C LEU A 511 -38.17 2.94 -18.68
N GLY A 512 -38.30 4.18 -19.22
CA GLY A 512 -39.32 4.56 -20.21
C GLY A 512 -38.67 5.16 -21.44
N ARG A 513 -39.37 5.11 -22.56
CA ARG A 513 -38.92 5.67 -23.88
C ARG A 513 -39.14 7.18 -23.87
N ILE A 514 -38.12 7.94 -24.23
CA ILE A 514 -38.24 9.42 -24.45
C ILE A 514 -39.14 9.63 -25.68
N PRO A 515 -40.19 10.48 -25.63
CA PRO A 515 -41.11 10.65 -26.75
C PRO A 515 -40.40 11.09 -28.05
N GLY A 516 -40.71 10.41 -29.16
CA GLY A 516 -40.14 10.65 -30.51
C GLY A 516 -38.66 10.32 -30.63
N THR A 517 -38.08 9.59 -29.67
CA THR A 517 -36.66 9.13 -29.69
C THR A 517 -36.64 7.63 -29.34
N ASP A 518 -35.68 6.88 -29.88
CA ASP A 518 -35.50 5.43 -29.63
C ASP A 518 -34.45 5.24 -28.51
N ILE A 519 -34.42 6.13 -27.54
CA ILE A 519 -33.61 5.94 -26.29
C ILE A 519 -34.57 5.81 -25.10
N TYR A 520 -34.18 5.05 -24.08
CA TYR A 520 -34.95 4.78 -22.85
C TYR A 520 -34.13 5.20 -21.63
N ARG A 521 -34.71 5.94 -20.69
CA ARG A 521 -33.98 6.30 -19.44
C ARG A 521 -34.96 6.19 -18.26
N ASP A 522 -34.41 6.39 -17.05
CA ASP A 522 -35.19 6.24 -15.79
C ASP A 522 -36.45 7.11 -15.82
N VAL A 523 -37.56 6.62 -15.30
CA VAL A 523 -38.81 7.41 -15.25
C VAL A 523 -38.90 8.32 -14.02
N LYS A 524 -38.21 8.01 -12.92
CA LYS A 524 -38.22 8.87 -11.70
C LYS A 524 -37.27 10.03 -11.93
N GLN A 525 -36.22 9.84 -12.73
CA GLN A 525 -35.21 10.90 -12.96
C GLN A 525 -35.58 11.73 -14.18
N TYR A 526 -36.18 11.12 -15.22
CA TYR A 526 -36.66 11.83 -16.44
C TYR A 526 -38.17 11.65 -16.58
N PRO A 527 -38.98 12.54 -15.96
CA PRO A 527 -40.45 12.53 -16.08
C PRO A 527 -41.01 12.59 -17.52
N GLU A 528 -40.17 12.98 -18.48
CA GLU A 528 -40.48 13.04 -19.93
C GLU A 528 -40.77 11.63 -20.45
N ALA A 529 -40.04 10.60 -19.99
CA ALA A 529 -40.09 9.20 -20.52
C ALA A 529 -41.41 8.54 -20.13
N GLU A 530 -42.10 7.92 -21.10
CA GLU A 530 -43.33 7.13 -20.83
C GLU A 530 -43.03 5.65 -21.00
N GLU A 531 -43.51 4.83 -20.06
CA GLU A 531 -43.49 3.36 -20.13
C GLU A 531 -44.23 2.91 -21.39
N VAL A 532 -43.67 1.90 -22.07
CA VAL A 532 -44.30 1.26 -23.25
C VAL A 532 -45.42 0.33 -22.74
N PRO A 533 -46.63 0.39 -23.33
CA PRO A 533 -47.73 -0.50 -22.93
C PRO A 533 -47.42 -1.99 -23.14
N GLY A 534 -47.59 -2.79 -22.08
CA GLY A 534 -47.40 -4.24 -22.08
C GLY A 534 -45.94 -4.65 -21.92
N VAL A 535 -45.00 -3.73 -21.85
CA VAL A 535 -43.57 -4.03 -21.74
C VAL A 535 -43.02 -3.31 -20.50
N LYS A 536 -42.42 -4.07 -19.60
CA LYS A 536 -41.80 -3.53 -18.38
C LYS A 536 -40.31 -3.65 -18.54
N ILE A 537 -39.58 -2.55 -18.47
CA ILE A 537 -38.10 -2.56 -18.67
C ILE A 537 -37.46 -2.17 -17.37
N PHE A 538 -36.52 -2.97 -16.91
CA PHE A 538 -35.88 -2.81 -15.59
C PHE A 538 -34.39 -2.89 -15.82
N ARG A 539 -33.64 -1.99 -15.21
CA ARG A 539 -32.18 -1.94 -15.40
C ARG A 539 -31.50 -1.91 -14.04
N ILE A 540 -30.62 -2.88 -13.77
CA ILE A 540 -29.69 -2.81 -12.60
C ILE A 540 -28.35 -2.29 -13.13
N ASP A 541 -27.67 -1.50 -12.32
CA ASP A 541 -26.43 -0.77 -12.68
C ASP A 541 -25.32 -1.33 -11.80
N SER A 542 -24.97 -2.59 -11.99
CA SER A 542 -23.92 -3.28 -11.18
C SER A 542 -23.76 -4.71 -11.62
N PRO A 543 -22.73 -5.42 -11.15
CA PRO A 543 -22.66 -6.86 -11.30
C PRO A 543 -23.75 -7.54 -10.46
N ILE A 544 -24.13 -8.73 -10.88
CA ILE A 544 -25.10 -9.52 -10.12
C ILE A 544 -24.28 -10.64 -9.57
N TYR A 545 -23.84 -10.49 -8.33
CA TYR A 545 -23.04 -11.52 -7.62
C TYR A 545 -23.59 -11.81 -6.25
N PHE A 546 -22.82 -12.46 -5.40
CA PHE A 546 -23.35 -12.98 -4.13
C PHE A 546 -23.79 -11.82 -3.25
N ALA A 547 -23.09 -10.67 -3.31
CA ALA A 547 -23.37 -9.59 -2.35
C ALA A 547 -24.73 -8.94 -2.64
N ASN A 548 -25.12 -8.88 -3.89
CA ASN A 548 -26.26 -8.03 -4.27
C ASN A 548 -27.25 -8.80 -5.10
N SER A 549 -27.44 -10.09 -4.89
CA SER A 549 -28.35 -10.86 -5.78
C SER A 549 -29.72 -10.87 -5.12
N GLU A 550 -29.79 -11.09 -3.81
CA GLU A 550 -31.09 -11.07 -3.09
C GLU A 550 -31.68 -9.68 -3.26
N TYR A 551 -30.86 -8.64 -3.11
CA TYR A 551 -31.31 -7.25 -3.27
C TYR A 551 -31.92 -7.06 -4.65
N PHE A 552 -31.22 -7.53 -5.68
CA PHE A 552 -31.66 -7.37 -7.07
C PHE A 552 -33.03 -7.98 -7.24
N LYS A 553 -33.20 -9.20 -6.76
CA LYS A 553 -34.48 -9.92 -6.95
C LYS A 553 -35.59 -9.16 -6.22
N GLU A 554 -35.31 -8.71 -5.00
CA GLU A 554 -36.28 -7.92 -4.21
C GLU A 554 -36.68 -6.65 -4.99
N ARG A 555 -35.70 -5.86 -5.42
CA ARG A 555 -36.01 -4.58 -6.07
C ARG A 555 -36.70 -4.83 -7.38
N LEU A 556 -36.52 -5.97 -8.01
CA LEU A 556 -37.22 -6.27 -9.28
C LEU A 556 -38.68 -6.46 -8.96
N LYS A 557 -38.98 -7.17 -7.88
CA LYS A 557 -40.38 -7.52 -7.55
C LYS A 557 -41.06 -6.29 -6.94
N ARG A 558 -40.30 -5.32 -6.49
CA ARG A 558 -40.88 -4.11 -5.86
C ARG A 558 -41.16 -3.06 -6.92
N LYS A 559 -40.21 -2.79 -7.84
CA LYS A 559 -40.36 -1.68 -8.82
C LYS A 559 -41.24 -2.13 -9.98
N THR A 560 -41.30 -3.41 -10.32
CA THR A 560 -42.26 -3.88 -11.33
C THR A 560 -43.65 -4.04 -10.72
N GLY A 561 -43.77 -4.01 -9.40
CA GLY A 561 -45.07 -4.03 -8.70
C GLY A 561 -45.78 -5.37 -8.82
N VAL A 562 -45.05 -6.42 -9.17
CA VAL A 562 -45.58 -7.80 -9.35
C VAL A 562 -44.66 -8.75 -8.60
N ASP A 563 -45.21 -9.57 -7.72
CA ASP A 563 -44.49 -10.74 -7.17
C ASP A 563 -45.01 -11.95 -7.92
N PRO A 564 -44.24 -12.56 -8.82
CA PRO A 564 -44.76 -13.66 -9.62
C PRO A 564 -45.19 -14.85 -8.74
N VAL A 565 -44.54 -15.15 -7.62
CA VAL A 565 -44.98 -16.34 -6.79
C VAL A 565 -46.33 -16.06 -6.12
N LYS A 566 -46.55 -14.85 -5.62
CA LYS A 566 -47.85 -14.45 -4.99
C LYS A 566 -48.93 -14.49 -6.06
N VAL A 567 -48.64 -14.00 -7.23
CA VAL A 567 -49.62 -13.99 -8.34
C VAL A 567 -49.94 -15.41 -8.79
N LEU A 568 -48.96 -16.31 -8.86
CA LEU A 568 -49.25 -17.70 -9.23
C LEU A 568 -50.12 -18.35 -8.16
N ALA A 569 -49.80 -18.14 -6.88
CA ALA A 569 -50.59 -18.68 -5.74
C ALA A 569 -52.04 -18.21 -5.81
N ALA A 570 -52.25 -16.90 -5.99
CA ALA A 570 -53.59 -16.29 -6.14
C ALA A 570 -54.35 -16.94 -7.31
N ARG A 571 -53.72 -17.05 -8.47
CA ARG A 571 -54.38 -17.59 -9.68
C ARG A 571 -54.78 -19.05 -9.43
N LYS A 572 -53.88 -19.89 -8.89
CA LYS A 572 -54.18 -21.33 -8.62
C LYS A 572 -55.35 -21.42 -7.62
N LYS A 573 -55.26 -20.68 -6.52
CA LYS A 573 -56.30 -20.66 -5.45
C LYS A 573 -57.66 -20.29 -6.08
N ALA A 574 -57.73 -19.20 -6.86
CA ALA A 574 -58.97 -18.74 -7.54
C ALA A 574 -59.53 -19.83 -8.48
N LEU A 575 -58.67 -20.48 -9.28
CA LEU A 575 -59.11 -21.46 -10.31
C LEU A 575 -59.61 -22.76 -9.66
N LYS A 576 -58.97 -23.22 -8.57
CA LYS A 576 -59.36 -24.50 -7.90
C LYS A 576 -60.57 -24.28 -6.97
N LYS A 577 -60.86 -23.04 -6.55
CA LYS A 577 -62.08 -22.70 -5.74
C LYS A 577 -63.30 -22.54 -6.65
N ILE A 578 -63.12 -22.05 -7.87
CA ILE A 578 -64.24 -21.91 -8.85
C ILE A 578 -64.47 -23.28 -9.47
N GLU A 579 -63.42 -24.10 -9.57
CA GLU A 579 -63.59 -25.51 -9.98
C GLU A 579 -64.57 -26.19 -9.00
N LYS A 580 -64.45 -25.88 -7.70
CA LYS A 580 -65.27 -26.53 -6.64
C LYS A 580 -66.70 -25.97 -6.67
N GLU A 581 -66.86 -24.65 -6.69
CA GLU A 581 -68.23 -24.03 -6.58
C GLU A 581 -69.04 -24.33 -7.84
N ILE A 582 -68.38 -24.71 -8.94
CA ILE A 582 -69.09 -25.03 -10.22
C ILE A 582 -69.35 -26.54 -10.28
N LYS A 583 -68.36 -27.35 -9.87
CA LYS A 583 -68.49 -28.83 -9.90
C LYS A 583 -68.87 -29.34 -8.51
N PRO A 634 -58.34 -13.47 -11.94
CA PRO A 634 -56.91 -13.74 -11.84
C PRO A 634 -56.10 -12.44 -11.70
N PRO A 635 -55.21 -12.31 -10.67
CA PRO A 635 -54.39 -11.10 -10.48
C PRO A 635 -53.90 -10.40 -11.77
N LYS A 636 -54.17 -9.09 -11.90
CA LYS A 636 -53.95 -8.40 -13.18
C LYS A 636 -52.48 -7.94 -13.26
N VAL A 637 -51.62 -8.68 -13.94
CA VAL A 637 -50.24 -8.17 -14.18
C VAL A 637 -50.35 -7.21 -15.36
N ASP A 638 -49.77 -6.04 -15.22
CA ASP A 638 -49.83 -5.02 -16.29
C ASP A 638 -48.70 -5.18 -17.30
N PHE A 639 -48.24 -6.37 -17.61
CA PHE A 639 -47.21 -6.49 -18.68
C PHE A 639 -47.20 -7.93 -19.21
N HIS A 640 -46.82 -8.11 -20.45
CA HIS A 640 -46.62 -9.45 -21.07
C HIS A 640 -45.12 -9.76 -21.25
N THR A 641 -44.26 -8.76 -21.27
CA THR A 641 -42.81 -8.92 -21.46
C THR A 641 -42.04 -8.10 -20.43
N LEU A 642 -41.01 -8.69 -19.81
CA LEU A 642 -40.10 -7.96 -18.89
C LEU A 642 -38.74 -7.98 -19.52
N ILE A 643 -38.25 -6.84 -19.96
CA ILE A 643 -36.91 -6.70 -20.55
C ILE A 643 -35.98 -6.31 -19.45
N LEU A 644 -34.85 -6.94 -19.40
CA LEU A 644 -33.81 -6.65 -18.38
C LEU A 644 -32.62 -6.03 -19.14
N ASP A 645 -32.37 -4.74 -18.94
CA ASP A 645 -31.22 -4.04 -19.53
C ASP A 645 -29.91 -4.42 -18.81
N PHE A 646 -29.12 -5.30 -19.40
CA PHE A 646 -27.90 -5.81 -18.76
C PHE A 646 -26.70 -5.08 -19.28
N SER A 647 -26.83 -3.82 -19.69
CA SER A 647 -25.69 -3.01 -20.22
C SER A 647 -24.65 -2.78 -19.13
N ALA A 648 -25.06 -2.28 -17.98
CA ALA A 648 -24.17 -2.08 -16.83
C ALA A 648 -23.87 -3.35 -16.00
N VAL A 649 -24.28 -4.53 -16.41
CA VAL A 649 -23.95 -5.77 -15.66
C VAL A 649 -22.59 -6.17 -16.15
N SER A 650 -21.57 -5.91 -15.34
CA SER A 650 -20.16 -6.19 -15.69
C SER A 650 -19.96 -7.69 -15.76
N PHE A 651 -20.26 -8.33 -14.67
CA PHE A 651 -20.07 -9.77 -14.55
C PHE A 651 -21.22 -10.37 -13.78
N VAL A 652 -21.28 -11.68 -13.79
CA VAL A 652 -22.31 -12.45 -13.08
C VAL A 652 -21.54 -13.59 -12.44
N ASP A 653 -21.68 -13.86 -11.16
CA ASP A 653 -21.14 -15.08 -10.54
C ASP A 653 -22.16 -16.22 -10.54
N THR A 654 -21.77 -17.33 -9.97
CA THR A 654 -22.59 -18.56 -9.79
C THR A 654 -23.94 -18.27 -9.12
N VAL A 655 -23.97 -17.35 -8.15
CA VAL A 655 -25.19 -17.02 -7.34
C VAL A 655 -26.09 -16.11 -8.16
N GLY A 656 -25.52 -15.33 -9.07
CA GLY A 656 -26.28 -14.54 -10.00
C GLY A 656 -26.89 -15.40 -11.07
N VAL A 657 -26.13 -16.27 -11.71
CA VAL A 657 -26.74 -17.17 -12.71
C VAL A 657 -27.89 -17.95 -12.10
N LYS A 658 -27.85 -18.25 -10.79
CA LYS A 658 -28.92 -19.03 -10.10
C LYS A 658 -30.10 -18.10 -9.82
N THR A 659 -29.84 -16.84 -9.49
CA THR A 659 -30.93 -15.91 -9.19
C THR A 659 -31.62 -15.52 -10.49
N LEU A 660 -30.87 -15.43 -11.58
CA LEU A 660 -31.47 -15.10 -12.88
C LEU A 660 -32.30 -16.27 -13.41
N LYS A 661 -31.90 -17.48 -13.15
CA LYS A 661 -32.71 -18.63 -13.56
C LYS A 661 -34.03 -18.62 -12.78
N GLU A 662 -34.04 -18.25 -11.50
CA GLU A 662 -35.27 -18.20 -10.69
C GLU A 662 -36.20 -17.10 -11.21
N ILE A 663 -35.67 -15.94 -11.55
CA ILE A 663 -36.52 -14.85 -12.06
C ILE A 663 -37.18 -15.33 -13.35
N VAL A 664 -36.43 -15.91 -14.26
CA VAL A 664 -36.94 -16.27 -15.59
C VAL A 664 -37.96 -17.38 -15.47
N LYS A 665 -37.83 -18.28 -14.47
CA LYS A 665 -38.79 -19.40 -14.29
C LYS A 665 -40.05 -18.83 -13.64
N GLU A 666 -39.96 -18.10 -12.55
CA GLU A 666 -41.16 -17.57 -11.87
C GLU A 666 -42.01 -16.73 -12.81
N TYR A 667 -41.42 -16.06 -13.77
CA TYR A 667 -42.17 -15.20 -14.71
C TYR A 667 -42.65 -16.04 -15.86
N ARG A 668 -42.03 -17.17 -16.12
CA ARG A 668 -42.56 -18.12 -17.12
C ARG A 668 -43.85 -18.75 -16.63
N GLU A 669 -44.03 -18.89 -15.33
CA GLU A 669 -45.21 -19.56 -14.76
C GLU A 669 -46.41 -18.61 -14.80
N ILE A 670 -46.24 -17.31 -14.60
CA ILE A 670 -47.35 -16.31 -14.66
C ILE A 670 -47.48 -15.74 -16.06
N GLY A 671 -46.88 -16.43 -17.05
CA GLY A 671 -47.06 -16.17 -18.49
C GLY A 671 -46.39 -14.91 -18.97
N VAL A 672 -45.19 -14.59 -18.49
CA VAL A 672 -44.45 -13.36 -18.91
C VAL A 672 -43.15 -13.80 -19.55
N GLN A 673 -42.79 -13.21 -20.69
CA GLN A 673 -41.52 -13.55 -21.37
C GLN A 673 -40.46 -12.60 -20.86
N VAL A 674 -39.29 -13.12 -20.51
CA VAL A 674 -38.17 -12.27 -20.03
C VAL A 674 -37.09 -12.23 -21.09
N TYR A 675 -36.85 -11.08 -21.68
CA TYR A 675 -35.77 -10.86 -22.67
C TYR A 675 -34.64 -10.13 -21.98
N LEU A 676 -33.42 -10.39 -22.42
CA LEU A 676 -32.20 -9.75 -21.90
C LEU A 676 -31.73 -8.86 -23.01
N ALA A 677 -31.19 -7.70 -22.70
CA ALA A 677 -30.90 -6.67 -23.71
C ALA A 677 -29.61 -5.94 -23.33
N GLY A 678 -28.50 -6.43 -23.84
CA GLY A 678 -27.24 -5.71 -23.64
C GLY A 678 -26.20 -6.63 -23.07
N CYS A 679 -26.50 -7.91 -22.84
CA CYS A 679 -25.48 -8.69 -22.08
C CYS A 679 -24.16 -8.75 -22.86
N ASN A 680 -23.08 -8.31 -22.21
CA ASN A 680 -21.71 -8.43 -22.76
C ASN A 680 -21.39 -9.92 -22.99
N ALA A 681 -20.36 -10.20 -23.76
CA ALA A 681 -19.99 -11.56 -24.19
C ALA A 681 -19.66 -12.44 -22.98
N SER A 682 -19.06 -11.90 -21.92
CA SER A 682 -18.67 -12.77 -20.80
C SER A 682 -19.94 -13.25 -20.09
N VAL A 683 -20.91 -12.35 -19.87
CA VAL A 683 -22.12 -12.67 -19.10
C VAL A 683 -22.86 -13.72 -19.88
N VAL A 684 -22.92 -13.60 -21.20
CA VAL A 684 -23.72 -14.56 -21.98
C VAL A 684 -23.01 -15.92 -21.95
N GLU A 685 -21.69 -15.94 -21.91
CA GLU A 685 -20.96 -17.23 -21.83
C GLU A 685 -21.21 -17.83 -20.47
N LYS A 686 -21.08 -17.11 -19.35
CA LYS A 686 -21.33 -17.72 -18.02
C LYS A 686 -22.77 -18.15 -17.92
N LEU A 687 -23.69 -17.38 -18.46
CA LEU A 687 -25.12 -17.77 -18.41
C LEU A 687 -25.31 -19.05 -19.19
N GLU A 688 -24.46 -19.32 -20.19
CA GLU A 688 -24.59 -20.51 -21.06
C GLU A 688 -24.00 -21.72 -20.37
N ARG A 689 -22.89 -21.55 -19.66
CA ARG A 689 -22.19 -22.66 -18.96
C ARG A 689 -23.03 -23.07 -17.76
N GLY A 690 -23.75 -22.11 -17.20
CA GLY A 690 -24.51 -22.24 -15.95
C GLY A 690 -25.89 -22.83 -16.18
N GLY A 691 -26.38 -22.84 -17.44
CA GLY A 691 -27.61 -23.54 -17.83
C GLY A 691 -28.76 -22.57 -17.69
N PHE A 692 -28.57 -21.34 -18.17
CA PHE A 692 -29.68 -20.37 -18.18
C PHE A 692 -30.53 -20.64 -19.40
N PHE A 693 -29.84 -20.97 -20.50
CA PHE A 693 -30.44 -21.13 -21.83
C PHE A 693 -30.83 -22.58 -22.06
N ASP A 694 -31.92 -23.06 -21.49
CA ASP A 694 -32.44 -24.41 -21.82
C ASP A 694 -33.71 -24.72 -21.05
N ASP A 695 -34.25 -23.75 -20.32
CA ASP A 695 -35.45 -24.04 -19.48
C ASP A 695 -36.36 -22.80 -19.44
N GLY A 696 -36.78 -22.41 -20.64
CA GLY A 696 -37.59 -21.22 -20.85
C GLY A 696 -36.88 -20.27 -21.78
N ILE A 697 -35.84 -19.59 -21.32
CA ILE A 697 -35.13 -18.57 -22.14
C ILE A 697 -34.41 -19.29 -23.29
N THR A 698 -34.23 -18.63 -24.42
CA THR A 698 -33.46 -19.15 -25.58
C THR A 698 -32.42 -18.11 -25.95
N LYS A 699 -31.41 -18.48 -26.72
CA LYS A 699 -30.34 -17.49 -27.06
C LYS A 699 -30.89 -16.45 -28.01
N GLU A 700 -32.17 -16.51 -28.35
CA GLU A 700 -32.83 -15.65 -29.37
C GLU A 700 -33.65 -14.60 -28.64
N HIS A 701 -33.71 -14.73 -27.32
CA HIS A 701 -34.27 -13.71 -26.43
C HIS A 701 -33.19 -12.74 -25.94
N LEU A 702 -31.97 -12.82 -26.44
CA LEU A 702 -30.86 -11.92 -26.07
C LEU A 702 -30.74 -10.89 -27.20
N PHE A 703 -31.18 -9.67 -26.93
CA PHE A 703 -31.15 -8.55 -27.89
C PHE A 703 -29.92 -7.69 -27.68
N LEU A 704 -29.75 -6.72 -28.57
CA LEU A 704 -28.55 -5.86 -28.63
C LEU A 704 -28.74 -4.60 -27.83
N SER A 705 -29.98 -4.11 -27.73
CA SER A 705 -30.29 -2.94 -26.89
C SER A 705 -31.76 -3.01 -26.48
N VAL A 706 -32.19 -2.10 -25.63
CA VAL A 706 -33.55 -2.15 -25.06
C VAL A 706 -34.53 -1.96 -26.21
N HIS A 707 -34.15 -1.22 -27.26
CA HIS A 707 -35.08 -0.87 -28.35
C HIS A 707 -35.40 -2.12 -29.16
N ASP A 708 -34.41 -2.88 -29.57
CA ASP A 708 -34.63 -4.08 -30.39
C ASP A 708 -35.51 -5.09 -29.67
N ALA A 709 -35.44 -5.11 -28.34
CA ALA A 709 -36.24 -6.03 -27.50
C ALA A 709 -37.68 -5.55 -27.45
N VAL A 710 -37.85 -4.26 -27.24
CA VAL A 710 -39.19 -3.65 -27.22
C VAL A 710 -39.89 -4.00 -28.52
N LEU A 711 -39.20 -3.80 -29.64
CA LEU A 711 -39.78 -4.03 -30.98
C LEU A 711 -40.18 -5.51 -31.05
N PHE A 712 -39.23 -6.41 -30.83
CA PHE A 712 -39.53 -7.84 -31.00
C PHE A 712 -40.71 -8.21 -30.12
N ALA A 713 -40.88 -7.55 -28.95
CA ALA A 713 -41.94 -7.88 -27.99
C ALA A 713 -43.29 -7.49 -28.58
N GLN A 714 -43.44 -6.20 -28.90
CA GLN A 714 -44.68 -5.66 -29.55
C GLN A 714 -45.04 -6.54 -30.75
N ALA A 715 -44.07 -6.83 -31.59
CA ALA A 715 -44.28 -7.66 -32.80
C ALA A 715 -44.87 -9.01 -32.39
N ARG A 716 -44.19 -9.76 -31.50
CA ARG A 716 -44.63 -11.13 -31.11
C ARG A 716 -46.10 -11.05 -30.70
N LYS A 717 -46.44 -10.11 -29.82
CA LYS A 717 -47.83 -9.94 -29.31
C LYS A 717 -48.80 -9.84 -30.48
N ALA A 718 -48.50 -8.99 -31.48
CA ALA A 718 -49.38 -8.69 -32.63
C ALA A 718 -49.54 -9.94 -33.50
N LEU A 719 -48.44 -10.61 -33.81
CA LEU A 719 -48.47 -11.81 -34.69
C LEU A 719 -49.09 -13.01 -33.94
N ALA A 720 -49.56 -12.82 -32.72
CA ALA A 720 -50.25 -13.87 -31.94
C ALA A 720 -51.76 -13.57 -31.94
N GLU A 721 -52.10 -12.28 -31.78
CA GLU A 721 -53.52 -11.79 -31.85
C GLU A 721 -54.15 -12.32 -33.15
N GLN A 722 -53.44 -12.32 -34.28
CA GLN A 722 -54.02 -12.87 -35.54
C GLN A 722 -53.85 -14.39 -35.52
#